data_7GQS
#
_entry.id   7GQS
#
_cell.length_a   50.071
_cell.length_b   90.066
_cell.length_c   53.788
_cell.angle_alpha   90.000
_cell.angle_beta   102.460
_cell.angle_gamma   90.000
#
_symmetry.space_group_name_H-M   'P 1 21 1'
#
loop_
_entity.id
_entity.type
_entity.pdbx_description
1 polymer "Bifunctional 3'-5' exonuclease/ATP-dependent helicase WRN"
2 non-polymer "ADENOSINE-5'-DIPHOSPHATE"
3 non-polymer 'CADMIUM ION'
4 non-polymer 1,2-ETHANEDIOL
5 non-polymer 'CHLORIDE ION'
6 water water
#
_entity_poly.entity_id   1
_entity_poly.type   'polypeptide(L)'
_entity_poly.pdbx_seq_one_letter_code
;MNEGEEDDDKDFLWPAPNEEQVTCLKMYFGHSSFKPVQWKVIHSVLEERRDNVAVMATGYGKSLCFQYPPVYVGKIGLVI
SPLISLMEDQVLQLKMSNIPACFLGSAQSENVLTDIKLGKYRIVYVTPEYCSGNMGLLQQLEADIGITLIAVDEAHCISE
WGHDFRDSFRKLGSLKTALPMVPIVALTATASSSIREDIVRCLNLRNPQITCTGFDRPNLYLEVRRKTGNILQDLQPFLV
KTSSHWEFEGPTIIYCPSRKMTQQVTGELRKLNLSCGTYHAGMSFSTRKDIHHRFVRDEIQCVIATIAFGMGINKADIRQ
VIHYGAPKDMESYYQEIGRAGRDGLQSSCHVLWAPADINLNRHLLTEIRNEKFRLYKLKMMAKMEKYLHSSRCRRQIILS
HFEDKQVQKASLGIMGTEKCCDNCRSRLDHGGRLEVLFQ
;
_entity_poly.pdbx_strand_id   A
#
loop_
_chem_comp.id
_chem_comp.type
_chem_comp.name
_chem_comp.formula
ADP non-polymer ADENOSINE-5'-DIPHOSPHATE 'C10 H15 N5 O10 P2'
CD non-polymer 'CADMIUM ION' 'Cd 2'
CL non-polymer 'CHLORIDE ION' 'Cl -1'
EDO non-polymer 1,2-ETHANEDIOL 'C2 H6 O2'
#
# COMPACT_ATOMS: atom_id res chain seq x y z
N LEU A 13 -4.44 29.23 -4.98
CA LEU A 13 -3.72 27.96 -5.00
C LEU A 13 -3.22 27.59 -3.60
N TRP A 14 -2.03 27.00 -3.53
CA TRP A 14 -1.38 26.58 -2.29
C TRP A 14 -0.06 27.33 -2.14
N PRO A 15 0.19 28.00 -1.03
CA PRO A 15 1.49 28.65 -0.84
C PRO A 15 2.62 27.63 -0.70
N ALA A 16 3.83 28.02 -1.09
CA ALA A 16 4.96 27.12 -0.93
C ALA A 16 5.26 26.91 0.55
N PRO A 17 5.87 25.79 0.90
CA PRO A 17 6.34 25.58 2.29
C PRO A 17 7.31 26.66 2.67
N ASN A 18 7.39 27.00 3.96
CA ASN A 18 8.36 27.99 4.39
C ASN A 18 9.67 27.28 4.76
N GLU A 19 10.70 28.08 5.11
CA GLU A 19 12.02 27.53 5.39
C GLU A 19 12.00 26.60 6.59
N GLU A 20 11.31 27.01 7.66
CA GLU A 20 11.26 26.15 8.84
C GLU A 20 10.60 24.83 8.51
N GLN A 21 9.52 24.86 7.70
CA GLN A 21 8.85 23.64 7.29
C GLN A 21 9.77 22.74 6.48
N VAL A 22 10.52 23.30 5.54
CA VAL A 22 11.41 22.46 4.72
C VAL A 22 12.56 21.90 5.56
N THR A 23 13.08 22.70 6.49
CA THR A 23 14.17 22.25 7.35
C THR A 23 13.72 21.08 8.21
N CYS A 24 12.52 21.17 8.79
CA CYS A 24 11.98 20.05 9.57
C CYS A 24 11.82 18.79 8.73
N LEU A 25 11.34 18.93 7.48
CA LEU A 25 11.24 17.79 6.57
C LEU A 25 12.59 17.11 6.37
N LYS A 26 13.63 17.91 6.14
CA LYS A 26 14.98 17.36 5.93
C LYS A 26 15.49 16.71 7.19
N MET A 27 15.37 17.39 8.33
CA MET A 27 15.95 16.92 9.59
C MET A 27 15.35 15.57 10.02
N TYR A 28 14.04 15.42 9.91
CA TYR A 28 13.40 14.24 10.47
C TYR A 28 12.98 13.20 9.44
N PHE A 29 12.80 13.59 8.17
CA PHE A 29 12.30 12.63 7.19
C PHE A 29 13.28 12.41 6.05
N GLY A 30 14.33 13.21 5.95
CA GLY A 30 15.32 12.95 4.95
C GLY A 30 14.91 13.30 3.55
N HIS A 31 13.90 14.15 3.36
CA HIS A 31 13.50 14.53 2.02
C HIS A 31 13.83 15.99 1.77
N SER A 32 14.31 16.30 0.56
CA SER A 32 14.60 17.68 0.15
C SER A 32 13.34 18.52 -0.11
N SER A 33 12.25 17.91 -0.57
CA SER A 33 11.05 18.65 -0.91
C SER A 33 9.85 17.73 -0.69
N PHE A 34 8.68 18.35 -0.49
CA PHE A 34 7.41 17.63 -0.43
C PHE A 34 6.99 17.23 -1.85
N LYS A 35 6.33 16.09 -1.96
CA LYS A 35 5.63 15.84 -3.23
C LYS A 35 4.39 16.73 -3.30
N PRO A 36 3.90 17.00 -4.52
CA PRO A 36 2.79 17.97 -4.64
C PRO A 36 1.59 17.66 -3.78
N VAL A 37 1.10 16.43 -3.81
CA VAL A 37 -0.14 16.18 -3.09
C VAL A 37 0.13 16.01 -1.61
N GLN A 38 1.29 15.50 -1.21
CA GLN A 38 1.64 15.56 0.21
C GLN A 38 1.53 16.98 0.73
N TRP A 39 2.04 17.94 -0.04
CA TRP A 39 2.02 19.32 0.45
C TRP A 39 0.58 19.84 0.52
N LYS A 40 -0.26 19.50 -0.46
CA LYS A 40 -1.64 19.96 -0.41
C LYS A 40 -2.30 19.45 0.87
N VAL A 41 -2.12 18.17 1.18
CA VAL A 41 -2.72 17.64 2.41
C VAL A 41 -2.08 18.25 3.64
N ILE A 42 -0.74 18.32 3.71
CA ILE A 42 -0.10 18.79 4.93
C ILE A 42 -0.44 20.26 5.17
N HIS A 43 -0.38 21.09 4.12
CA HIS A 43 -0.74 22.49 4.30
C HIS A 43 -2.17 22.64 4.78
N SER A 44 -3.08 21.87 4.19
CA SER A 44 -4.49 21.97 4.54
C SER A 44 -4.72 21.59 5.99
N VAL A 45 -4.10 20.49 6.43
CA VAL A 45 -4.22 20.04 7.82
C VAL A 45 -3.46 20.95 8.77
N LEU A 46 -2.22 21.27 8.45
CA LEU A 46 -1.38 21.98 9.42
C LEU A 46 -1.74 23.46 9.52
N GLU A 47 -1.84 24.14 8.38
CA GLU A 47 -2.09 25.58 8.33
C GLU A 47 -3.56 25.95 8.20
N GLU A 48 -4.38 25.16 7.52
CA GLU A 48 -5.79 25.53 7.41
C GLU A 48 -6.70 24.75 8.35
N ARG A 49 -6.16 23.77 9.08
CA ARG A 49 -6.90 22.99 10.08
C ARG A 49 -8.18 22.41 9.49
N ARG A 50 -8.04 21.82 8.32
CA ARG A 50 -9.18 21.37 7.54
C ARG A 50 -9.22 19.86 7.45
N ASP A 51 -10.42 19.29 7.54
CA ASP A 51 -10.55 17.85 7.30
C ASP A 51 -10.13 17.54 5.88
N ASN A 52 -9.57 16.34 5.69
CA ASN A 52 -9.10 15.92 4.37
C ASN A 52 -9.54 14.49 4.04
N VAL A 53 -9.92 14.23 2.79
CA VAL A 53 -9.97 12.87 2.28
C VAL A 53 -8.95 12.81 1.17
N ALA A 54 -7.96 11.93 1.32
CA ALA A 54 -6.81 11.89 0.45
C ALA A 54 -6.64 10.49 -0.15
N VAL A 55 -6.59 10.42 -1.47
CA VAL A 55 -6.41 9.18 -2.20
C VAL A 55 -5.00 9.22 -2.71
N MET A 56 -4.19 8.28 -2.24
CA MET A 56 -2.77 8.31 -2.55
C MET A 56 -2.35 6.94 -3.08
N ALA A 57 -1.70 6.94 -4.22
CA ALA A 57 -1.27 5.71 -4.87
C ALA A 57 0.01 5.14 -4.26
N THR A 58 0.39 3.97 -4.80
CA THR A 58 1.46 3.17 -4.27
C THR A 58 2.75 3.93 -4.22
N GLY A 59 3.37 3.90 -3.04
CA GLY A 59 4.69 4.47 -2.93
C GLY A 59 4.73 5.94 -3.15
N TYR A 60 3.58 6.62 -3.04
CA TYR A 60 3.63 8.07 -3.16
C TYR A 60 4.25 8.68 -1.90
N GLY A 61 3.92 8.14 -0.72
CA GLY A 61 4.36 8.86 0.46
C GLY A 61 3.20 9.29 1.33
N LYS A 62 2.22 8.40 1.48
CA LYS A 62 1.03 8.71 2.30
C LYS A 62 1.36 8.98 3.77
N SER A 63 2.29 8.20 4.34
CA SER A 63 2.55 8.32 5.78
C SER A 63 3.07 9.70 6.15
N LEU A 64 3.80 10.35 5.28
CA LEU A 64 4.29 11.69 5.62
C LEU A 64 3.16 12.65 5.99
N CYS A 65 1.99 12.50 5.36
CA CYS A 65 0.85 13.40 5.56
C CYS A 65 0.33 13.39 6.99
N PHE A 66 0.44 12.26 7.70
CA PHE A 66 0.06 12.33 9.11
C PHE A 66 1.23 12.32 10.09
N GLN A 67 2.42 11.89 9.67
CA GLN A 67 3.60 11.91 10.55
C GLN A 67 4.23 13.30 10.63
N TYR A 68 4.28 14.01 9.51
CA TYR A 68 4.94 15.32 9.50
C TYR A 68 4.27 16.38 10.38
N PRO A 69 2.95 16.61 10.34
CA PRO A 69 2.38 17.77 11.06
C PRO A 69 2.63 17.71 12.56
N PRO A 70 2.37 16.61 13.26
CA PRO A 70 2.68 16.64 14.71
C PRO A 70 4.16 16.80 15.02
N VAL A 71 5.06 16.26 14.20
CA VAL A 71 6.49 16.49 14.39
C VAL A 71 6.82 17.96 14.22
N TYR A 72 6.22 18.61 13.22
CA TYR A 72 6.58 20.00 12.98
C TYR A 72 6.13 20.90 14.12
N VAL A 73 4.94 20.66 14.68
CA VAL A 73 4.48 21.56 15.74
C VAL A 73 4.75 21.01 17.13
N GLY A 74 5.25 19.78 17.26
CA GLY A 74 5.64 19.26 18.56
C GLY A 74 4.51 18.79 19.44
N LYS A 75 3.40 18.32 18.85
CA LYS A 75 2.22 17.85 19.59
C LYS A 75 1.88 16.41 19.18
N ILE A 76 0.68 15.93 19.44
CA ILE A 76 0.31 14.55 19.14
C ILE A 76 -0.40 14.46 17.80
N GLY A 77 -0.03 13.47 16.99
CA GLY A 77 -0.86 12.98 15.90
C GLY A 77 -1.40 11.61 16.25
N LEU A 78 -2.71 11.46 16.23
CA LEU A 78 -3.33 10.16 16.48
C LEU A 78 -3.55 9.45 15.14
N VAL A 79 -3.05 8.22 15.02
CA VAL A 79 -3.21 7.46 13.78
C VAL A 79 -4.03 6.22 14.10
N ILE A 80 -5.19 6.09 13.45
CA ILE A 80 -6.08 4.97 13.72
C ILE A 80 -6.00 3.99 12.56
N SER A 81 -5.76 2.72 12.87
CA SER A 81 -5.64 1.73 11.80
C SER A 81 -5.86 0.35 12.39
N PRO A 82 -6.48 -0.57 11.64
CA PRO A 82 -6.58 -1.97 12.10
C PRO A 82 -5.30 -2.77 11.93
N LEU A 83 -4.27 -2.24 11.27
CA LEU A 83 -3.14 -3.06 10.79
C LEU A 83 -2.00 -3.03 11.81
N ILE A 84 -2.06 -3.92 12.79
CA ILE A 84 -1.23 -3.76 13.97
C ILE A 84 0.25 -3.92 13.65
N SER A 85 0.61 -4.93 12.85
CA SER A 85 2.04 -5.15 12.61
C SER A 85 2.60 -4.01 11.77
N LEU A 86 1.76 -3.39 10.95
CA LEU A 86 2.23 -2.26 10.18
C LEU A 86 2.49 -1.06 11.06
N MET A 87 1.64 -0.87 12.08
CA MET A 87 1.88 0.22 13.03
C MET A 87 3.17 0.00 13.80
N GLU A 88 3.44 -1.23 14.21
CA GLU A 88 4.71 -1.55 14.86
C GLU A 88 5.90 -1.23 13.95
N ASP A 89 5.81 -1.67 12.68
CA ASP A 89 6.85 -1.31 11.71
C ASP A 89 7.06 0.20 11.63
N GLN A 90 5.97 0.98 11.56
CA GLN A 90 6.08 2.44 11.43
C GLN A 90 6.69 3.06 12.68
N VAL A 91 6.38 2.52 13.86
CA VAL A 91 6.97 3.05 15.08
C VAL A 91 8.50 2.88 15.05
N LEU A 92 8.96 1.72 14.56
CA LEU A 92 10.40 1.47 14.45
C LEU A 92 11.05 2.43 13.46
N GLN A 93 10.42 2.59 12.30
CA GLN A 93 10.95 3.52 11.28
C GLN A 93 11.06 4.92 11.85
N LEU A 94 10.04 5.36 12.59
CA LEU A 94 10.09 6.68 13.18
C LEU A 94 11.20 6.79 14.22
N LYS A 95 11.35 5.77 15.05
CA LYS A 95 12.37 5.79 16.08
C LYS A 95 13.75 5.93 15.44
N MET A 96 13.98 5.19 14.34
CA MET A 96 15.26 5.28 13.64
C MET A 96 15.49 6.66 13.03
N SER A 97 14.43 7.43 12.82
CA SER A 97 14.54 8.81 12.33
C SER A 97 14.47 9.82 13.44
N ASN A 98 14.65 9.40 14.70
CA ASN A 98 14.66 10.28 15.86
C ASN A 98 13.30 10.90 16.16
N ILE A 99 12.22 10.25 15.73
CA ILE A 99 10.87 10.71 16.03
C ILE A 99 10.26 9.74 17.03
N PRO A 100 9.85 10.20 18.21
CA PRO A 100 9.26 9.29 19.19
C PRO A 100 7.81 9.00 18.84
N ALA A 101 7.47 7.72 18.91
CA ALA A 101 6.14 7.27 18.57
C ALA A 101 5.84 6.01 19.36
N CYS A 102 4.55 5.69 19.49
CA CYS A 102 4.21 4.46 20.18
C CYS A 102 2.91 3.88 19.64
N PHE A 103 2.71 2.60 19.91
CA PHE A 103 1.47 1.90 19.59
C PHE A 103 0.76 1.65 20.91
N LEU A 104 -0.35 2.37 21.12
CA LEU A 104 -1.03 2.42 22.41
C LEU A 104 -2.26 1.52 22.38
N GLY A 105 -2.27 0.51 23.26
CA GLY A 105 -3.39 -0.39 23.44
C GLY A 105 -3.59 -0.84 24.88
N SER A 106 -4.47 -1.84 25.09
CA SER A 106 -4.85 -2.25 26.45
C SER A 106 -3.67 -2.84 27.21
N ALA A 107 -2.85 -3.65 26.55
CA ALA A 107 -1.73 -4.31 27.22
C ALA A 107 -0.67 -3.34 27.71
N GLN A 108 -0.74 -2.08 27.28
CA GLN A 108 0.30 -1.11 27.58
C GLN A 108 0.40 -0.87 29.07
N SER A 109 1.63 -0.66 29.54
CA SER A 109 1.87 -0.37 30.95
C SER A 109 1.32 1.00 31.33
N GLU A 110 0.97 1.13 32.62
CA GLU A 110 0.50 2.41 33.12
C GLU A 110 1.48 3.53 32.80
N ASN A 111 2.78 3.22 32.85
CA ASN A 111 3.79 4.25 32.67
C ASN A 111 3.76 4.82 31.25
N VAL A 112 3.49 3.99 30.24
CA VAL A 112 3.42 4.50 28.87
C VAL A 112 2.29 5.51 28.74
N LEU A 113 1.19 5.27 29.46
CA LEU A 113 0.08 6.22 29.44
C LEU A 113 0.49 7.58 29.99
N THR A 114 1.24 7.58 31.11
CA THR A 114 1.69 8.84 31.70
C THR A 114 2.68 9.55 30.77
N ASP A 115 3.53 8.78 30.06
CA ASP A 115 4.43 9.38 29.09
C ASP A 115 3.67 10.05 27.96
N ILE A 116 2.60 9.40 27.46
CA ILE A 116 1.78 10.03 26.44
C ILE A 116 1.12 11.29 27.00
N LYS A 117 0.59 11.22 28.22
CA LYS A 117 -0.02 12.42 28.83
C LYS A 117 0.99 13.55 28.96
N LEU A 118 2.26 13.24 29.20
CA LEU A 118 3.27 14.29 29.31
C LEU A 118 3.79 14.75 27.95
N GLY A 119 3.32 14.15 26.86
CA GLY A 119 3.71 14.57 25.54
C GLY A 119 5.01 13.98 25.01
N LYS A 120 5.41 12.80 25.50
CA LYS A 120 6.65 12.19 25.01
C LYS A 120 6.53 11.80 23.54
N TYR A 121 5.33 11.42 23.11
CA TYR A 121 5.16 10.75 21.83
C TYR A 121 4.54 11.71 20.82
N ARG A 122 5.20 11.86 19.69
CA ARG A 122 4.72 12.72 18.62
C ARG A 122 3.61 12.03 17.82
N ILE A 123 3.71 10.72 17.62
CA ILE A 123 2.73 9.97 16.85
C ILE A 123 2.27 8.83 17.72
N VAL A 124 0.95 8.74 17.95
CA VAL A 124 0.34 7.69 18.75
C VAL A 124 -0.54 6.85 17.81
N TYR A 125 -0.18 5.58 17.64
CA TYR A 125 -0.93 4.62 16.82
C TYR A 125 -1.91 3.83 17.69
N VAL A 126 -3.17 3.74 17.27
CA VAL A 126 -4.18 3.00 18.03
C VAL A 126 -5.05 2.20 17.06
N THR A 127 -5.65 1.13 17.58
CA THR A 127 -6.65 0.45 16.77
C THR A 127 -7.96 1.24 16.81
N PRO A 128 -8.87 1.01 15.85
CA PRO A 128 -10.23 1.58 16.00
C PRO A 128 -10.89 1.20 17.32
N GLU A 129 -10.78 -0.05 17.76
CA GLU A 129 -11.43 -0.48 18.99
C GLU A 129 -10.88 0.26 20.20
N TYR A 130 -9.54 0.41 20.28
CA TYR A 130 -8.95 1.11 21.42
C TYR A 130 -9.40 2.56 21.45
N CYS A 131 -9.33 3.21 20.30
CA CYS A 131 -9.78 4.59 20.16
C CYS A 131 -11.21 4.77 20.65
N SER A 132 -12.13 3.92 20.20
CA SER A 132 -13.52 4.11 20.56
C SER A 132 -13.75 3.94 22.05
N GLY A 133 -12.96 3.10 22.72
CA GLY A 133 -13.14 2.86 24.13
C GLY A 133 -12.38 3.79 25.04
N ASN A 134 -11.70 4.80 24.52
CA ASN A 134 -10.88 5.68 25.36
C ASN A 134 -11.00 7.13 24.92
N MET A 135 -12.23 7.58 24.66
CA MET A 135 -12.41 8.97 24.22
C MET A 135 -11.97 9.96 25.29
N GLY A 136 -12.16 9.61 26.56
CA GLY A 136 -11.76 10.52 27.63
C GLY A 136 -10.26 10.75 27.63
N LEU A 137 -9.49 9.69 27.43
CA LEU A 137 -8.05 9.87 27.29
C LEU A 137 -7.74 10.89 26.20
N LEU A 138 -8.36 10.73 25.02
CA LEU A 138 -8.10 11.62 23.90
C LEU A 138 -8.46 13.07 24.23
N GLN A 139 -9.59 13.28 24.90
CA GLN A 139 -9.93 14.63 25.29
C GLN A 139 -8.92 15.20 26.27
N GLN A 140 -8.39 14.36 27.18
CA GLN A 140 -7.34 14.84 28.08
C GLN A 140 -6.08 15.20 27.31
N LEU A 141 -5.69 14.37 26.32
CA LEU A 141 -4.57 14.70 25.46
C LEU A 141 -4.85 15.97 24.68
N GLU A 142 -6.08 16.13 24.21
CA GLU A 142 -6.43 17.33 23.46
C GLU A 142 -6.27 18.57 24.32
N ALA A 143 -6.72 18.51 25.57
CA ALA A 143 -6.67 19.67 26.44
C ALA A 143 -5.28 19.94 26.99
N ASP A 144 -4.51 18.90 27.32
CA ASP A 144 -3.22 19.06 27.99
C ASP A 144 -2.07 19.24 27.01
N ILE A 145 -2.10 18.49 25.91
CA ILE A 145 -1.04 18.50 24.93
C ILE A 145 -1.51 19.12 23.61
N GLY A 146 -2.71 18.76 23.16
CA GLY A 146 -3.20 19.17 21.85
C GLY A 146 -2.95 18.12 20.78
N ILE A 147 -3.99 17.76 20.04
CA ILE A 147 -3.89 16.81 18.94
C ILE A 147 -3.89 17.58 17.63
N THR A 148 -2.78 17.45 16.89
CA THR A 148 -2.66 18.15 15.61
C THR A 148 -3.64 17.59 14.60
N LEU A 149 -3.72 16.28 14.48
CA LEU A 149 -4.60 15.67 13.50
C LEU A 149 -4.95 14.28 14.01
N ILE A 150 -6.04 13.75 13.48
CA ILE A 150 -6.37 12.33 13.59
C ILE A 150 -6.31 11.78 12.17
N ALA A 151 -5.52 10.72 11.97
CA ALA A 151 -5.48 10.08 10.68
C ALA A 151 -6.24 8.77 10.77
N VAL A 152 -7.19 8.56 9.86
CA VAL A 152 -7.88 7.28 9.75
C VAL A 152 -7.37 6.63 8.49
N ASP A 153 -6.56 5.61 8.65
CA ASP A 153 -6.07 4.87 7.50
C ASP A 153 -7.10 3.80 7.20
N GLU A 154 -7.08 3.31 5.97
CA GLU A 154 -8.06 2.32 5.54
C GLU A 154 -9.47 2.81 5.78
N ALA A 155 -9.70 4.11 5.59
CA ALA A 155 -10.99 4.70 6.02
C ALA A 155 -12.15 4.14 5.23
N HIS A 156 -11.89 3.49 4.09
CA HIS A 156 -12.93 2.81 3.34
C HIS A 156 -13.67 1.75 4.15
N CYS A 157 -13.06 1.26 5.24
CA CYS A 157 -13.68 0.22 6.07
C CYS A 157 -14.91 0.73 6.81
N ILE A 158 -15.08 2.05 6.91
CA ILE A 158 -16.30 2.61 7.50
C ILE A 158 -17.46 2.61 6.52
N SER A 159 -17.26 2.14 5.28
CA SER A 159 -18.30 2.07 4.25
C SER A 159 -18.76 0.63 4.05
N GLU A 160 -20.06 0.44 3.88
CA GLU A 160 -20.51 -0.89 3.47
C GLU A 160 -20.15 -1.16 2.01
N TRP A 161 -20.29 -0.16 1.14
CA TRP A 161 -19.91 -0.33 -0.25
C TRP A 161 -18.41 -0.22 -0.48
N GLY A 162 -17.63 -0.05 0.59
CA GLY A 162 -16.18 -0.08 0.57
C GLY A 162 -15.58 -1.47 0.60
N HIS A 163 -16.43 -2.50 0.75
CA HIS A 163 -16.18 -3.93 0.58
C HIS A 163 -15.24 -4.52 1.63
N ASP A 164 -14.66 -3.70 2.51
CA ASP A 164 -13.81 -4.11 3.61
C ASP A 164 -14.43 -3.59 4.90
N PHE A 165 -15.77 -3.66 4.99
CA PHE A 165 -16.46 -2.98 6.08
C PHE A 165 -16.04 -3.53 7.43
N ARG A 166 -15.76 -2.61 8.36
CA ARG A 166 -15.41 -2.94 9.73
C ARG A 166 -16.38 -2.24 10.67
N ASP A 167 -17.14 -3.04 11.43
CA ASP A 167 -17.99 -2.50 12.48
C ASP A 167 -17.18 -1.67 13.47
N SER A 168 -15.91 -2.04 13.71
CA SER A 168 -15.05 -1.25 14.59
C SER A 168 -14.93 0.21 14.11
N PHE A 169 -15.10 0.46 12.80
CA PHE A 169 -15.01 1.84 12.30
C PHE A 169 -16.26 2.66 12.54
N ARG A 170 -17.41 2.03 12.78
CA ARG A 170 -18.66 2.80 12.84
C ARG A 170 -18.61 3.84 13.94
N LYS A 171 -18.08 3.47 15.10
CA LYS A 171 -18.04 4.37 16.24
C LYS A 171 -17.01 5.49 16.07
N LEU A 172 -16.17 5.45 15.03
CA LEU A 172 -15.35 6.63 14.77
C LEU A 172 -16.15 7.90 14.48
N GLY A 173 -17.46 7.81 14.27
CA GLY A 173 -18.23 9.03 14.12
C GLY A 173 -18.20 9.93 15.36
N SER A 174 -17.96 9.34 16.53
CA SER A 174 -17.85 10.14 17.75
C SER A 174 -16.62 11.03 17.77
N LEU A 175 -15.61 10.82 16.91
CA LEU A 175 -14.40 11.63 17.00
C LEU A 175 -14.74 13.11 16.89
N LYS A 176 -15.48 13.51 15.85
CA LYS A 176 -15.79 14.92 15.67
C LYS A 176 -16.65 15.49 16.79
N THR A 177 -17.52 14.68 17.39
CA THR A 177 -18.25 15.15 18.57
C THR A 177 -17.28 15.40 19.71
N ALA A 178 -16.47 14.40 20.05
CA ALA A 178 -15.61 14.48 21.23
C ALA A 178 -14.46 15.47 21.06
N LEU A 179 -14.00 15.67 19.82
CA LEU A 179 -12.85 16.52 19.53
C LEU A 179 -13.17 17.41 18.34
N PRO A 180 -14.12 18.35 18.49
CA PRO A 180 -14.58 19.10 17.31
C PRO A 180 -13.49 19.94 16.65
N MET A 181 -12.48 20.35 17.40
CA MET A 181 -11.46 21.22 16.83
C MET A 181 -10.39 20.44 16.08
N VAL A 182 -10.39 19.12 16.13
CA VAL A 182 -9.28 18.32 15.60
C VAL A 182 -9.60 17.91 14.15
N PRO A 183 -8.76 18.30 13.19
CA PRO A 183 -8.92 17.85 11.81
C PRO A 183 -8.66 16.36 11.63
N ILE A 184 -9.42 15.77 10.73
CA ILE A 184 -9.30 14.36 10.43
C ILE A 184 -8.83 14.24 8.99
N VAL A 185 -7.75 13.47 8.80
CA VAL A 185 -7.35 13.02 7.46
C VAL A 185 -7.78 11.58 7.30
N ALA A 186 -8.64 11.35 6.35
CA ALA A 186 -9.08 10.02 5.98
C ALA A 186 -8.31 9.59 4.72
N LEU A 187 -7.66 8.44 4.78
CA LEU A 187 -6.85 7.96 3.67
C LEU A 187 -7.54 6.76 3.03
N THR A 188 -7.68 6.78 1.70
CA THR A 188 -8.35 5.67 1.01
C THR A 188 -7.59 5.36 -0.28
N ALA A 189 -7.85 4.16 -0.83
CA ALA A 189 -7.05 3.62 -1.90
C ALA A 189 -7.62 3.88 -3.28
N THR A 190 -8.87 4.30 -3.40
CA THR A 190 -9.40 4.62 -4.72
C THR A 190 -10.15 5.92 -4.65
N ALA A 191 -10.37 6.50 -5.83
CA ALA A 191 -11.08 7.75 -5.95
C ALA A 191 -12.59 7.54 -6.07
N SER A 192 -13.10 6.38 -5.66
CA SER A 192 -14.53 6.10 -5.75
C SER A 192 -15.33 7.18 -5.07
N SER A 193 -16.35 7.69 -5.76
CA SER A 193 -17.22 8.70 -5.15
C SER A 193 -18.11 8.09 -4.07
N SER A 194 -18.60 6.86 -4.29
CA SER A 194 -19.52 6.29 -3.30
C SER A 194 -18.79 5.96 -2.01
N ILE A 195 -17.52 5.57 -2.10
CA ILE A 195 -16.74 5.35 -0.88
C ILE A 195 -16.46 6.68 -0.19
N ARG A 196 -16.04 7.70 -0.97
CA ARG A 196 -15.75 9.01 -0.39
C ARG A 196 -16.97 9.56 0.33
N GLU A 197 -18.14 9.41 -0.26
CA GLU A 197 -19.37 9.90 0.38
C GLU A 197 -19.60 9.19 1.70
N ASP A 198 -19.35 7.88 1.76
CA ASP A 198 -19.54 7.18 3.03
C ASP A 198 -18.50 7.61 4.09
N ILE A 199 -17.26 7.90 3.67
CA ILE A 199 -16.23 8.36 4.61
C ILE A 199 -16.63 9.69 5.21
N VAL A 200 -17.03 10.63 4.34
CA VAL A 200 -17.42 11.96 4.80
C VAL A 200 -18.58 11.88 5.77
N ARG A 201 -19.59 11.07 5.47
CA ARG A 201 -20.78 11.00 6.33
CA ARG A 201 -20.73 11.09 6.38
C ARG A 201 -20.46 10.29 7.65
N CYS A 202 -19.76 9.18 7.57
CA CYS A 202 -19.54 8.40 8.79
C CYS A 202 -18.49 9.02 9.70
N LEU A 203 -17.54 9.77 9.17
CA LEU A 203 -16.57 10.47 10.00
C LEU A 203 -17.04 11.86 10.38
N ASN A 204 -18.20 12.28 9.90
CA ASN A 204 -18.73 13.63 10.16
C ASN A 204 -17.75 14.72 9.75
N LEU A 205 -17.11 14.55 8.59
CA LEU A 205 -16.17 15.55 8.12
C LEU A 205 -16.89 16.79 7.65
N ARG A 206 -16.25 17.94 7.85
CA ARG A 206 -16.84 19.23 7.52
C ARG A 206 -16.06 19.80 6.34
N ASN A 207 -16.72 19.92 5.19
CA ASN A 207 -16.17 20.52 3.98
C ASN A 207 -14.72 20.09 3.73
N PRO A 208 -14.46 18.80 3.57
CA PRO A 208 -13.08 18.36 3.51
C PRO A 208 -12.43 18.69 2.19
N GLN A 209 -11.14 18.95 2.24
CA GLN A 209 -10.36 18.95 1.01
C GLN A 209 -10.20 17.54 0.46
N ILE A 210 -10.50 17.36 -0.81
CA ILE A 210 -10.39 16.09 -1.51
C ILE A 210 -9.17 16.16 -2.42
N THR A 211 -8.28 15.18 -2.32
CA THR A 211 -7.10 15.09 -3.18
C THR A 211 -6.92 13.70 -3.74
N CYS A 212 -6.27 13.62 -4.90
CA CYS A 212 -5.95 12.35 -5.54
C CYS A 212 -4.60 12.51 -6.23
N THR A 213 -3.67 11.60 -5.95
CA THR A 213 -2.39 11.60 -6.64
C THR A 213 -2.47 11.12 -8.08
N GLY A 214 -3.52 10.39 -8.43
CA GLY A 214 -3.46 9.54 -9.58
C GLY A 214 -2.64 8.32 -9.24
N PHE A 215 -2.63 7.38 -10.17
CA PHE A 215 -2.22 6.04 -9.84
C PHE A 215 -1.09 5.49 -10.69
N ASP A 216 -0.64 6.19 -11.72
CA ASP A 216 0.29 5.54 -12.62
C ASP A 216 1.66 5.39 -11.96
N ARG A 217 2.33 4.32 -12.30
CA ARG A 217 3.71 4.04 -11.93
C ARG A 217 4.37 3.79 -13.30
N PRO A 218 4.87 4.84 -13.97
CA PRO A 218 5.32 4.66 -15.36
C PRO A 218 6.54 3.77 -15.53
N ASN A 219 7.33 3.55 -14.48
CA ASN A 219 8.53 2.72 -14.56
C ASN A 219 8.24 1.26 -14.30
N LEU A 220 6.96 0.87 -14.20
CA LEU A 220 6.59 -0.53 -14.02
C LEU A 220 6.03 -1.10 -15.33
N TYR A 221 6.80 -1.93 -16.00
CA TYR A 221 6.33 -2.65 -17.17
C TYR A 221 5.41 -3.80 -16.75
N LEU A 222 4.24 -3.94 -17.41
CA LEU A 222 3.24 -4.93 -17.06
C LEU A 222 3.20 -6.08 -18.06
N GLU A 223 3.23 -7.34 -17.60
CA GLU A 223 3.09 -8.45 -18.53
C GLU A 223 2.30 -9.59 -17.89
N VAL A 224 1.50 -10.27 -18.71
CA VAL A 224 0.73 -11.45 -18.30
C VAL A 224 1.08 -12.62 -19.23
N ARG A 225 1.30 -13.78 -18.64
CA ARG A 225 1.72 -14.98 -19.34
C ARG A 225 1.06 -16.21 -18.70
N ARG A 226 0.75 -17.20 -19.51
CA ARG A 226 0.17 -18.44 -19.00
C ARG A 226 1.22 -19.31 -18.32
N LYS A 227 0.82 -19.96 -17.24
CA LYS A 227 1.65 -21.02 -16.70
C LYS A 227 1.90 -22.13 -17.74
N THR A 228 3.07 -22.77 -17.65
CA THR A 228 3.49 -23.83 -18.56
C THR A 228 3.35 -25.24 -17.98
N GLY A 229 3.11 -25.38 -16.69
CA GLY A 229 2.86 -26.71 -16.12
C GLY A 229 3.89 -27.16 -15.13
N ASN A 230 4.95 -26.39 -14.91
CA ASN A 230 6.03 -26.76 -14.03
C ASN A 230 6.67 -25.47 -13.51
N ILE A 231 6.95 -25.42 -12.20
CA ILE A 231 7.38 -24.17 -11.58
C ILE A 231 8.71 -23.69 -12.15
N LEU A 232 9.71 -24.59 -12.25
CA LEU A 232 11.01 -24.14 -12.76
C LEU A 232 10.90 -23.66 -14.21
N GLN A 233 10.12 -24.35 -15.03
CA GLN A 233 9.98 -23.89 -16.41
C GLN A 233 9.32 -22.51 -16.45
N ASP A 234 8.37 -22.24 -15.53
CA ASP A 234 7.74 -20.92 -15.44
C ASP A 234 8.74 -19.85 -15.01
N LEU A 235 9.68 -20.18 -14.12
CA LEU A 235 10.52 -19.13 -13.52
C LEU A 235 11.82 -18.97 -14.26
N GLN A 236 12.20 -19.97 -15.04
CA GLN A 236 13.47 -19.91 -15.76
C GLN A 236 13.68 -18.64 -16.57
N PRO A 237 12.70 -18.11 -17.31
CA PRO A 237 12.94 -16.86 -18.05
C PRO A 237 13.43 -15.72 -17.21
N PHE A 238 13.15 -15.72 -15.91
CA PHE A 238 13.53 -14.60 -15.07
C PHE A 238 14.93 -14.76 -14.48
N LEU A 239 15.60 -15.85 -14.82
CA LEU A 239 16.88 -16.20 -14.23
C LEU A 239 17.99 -15.94 -15.22
N VAL A 240 19.19 -15.72 -14.73
CA VAL A 240 20.37 -15.62 -15.57
C VAL A 240 21.46 -16.51 -14.99
N LYS A 241 22.16 -17.25 -15.86
CA LYS A 241 23.29 -18.04 -15.36
C LYS A 241 24.51 -17.14 -15.43
N THR A 242 24.87 -16.58 -14.29
CA THR A 242 26.22 -16.11 -14.07
C THR A 242 27.10 -17.32 -13.85
N SER A 243 28.29 -17.33 -14.46
CA SER A 243 29.15 -18.50 -14.33
C SER A 243 29.19 -18.99 -12.88
N SER A 244 29.01 -20.29 -12.71
CA SER A 244 28.93 -21.06 -11.46
C SER A 244 27.57 -21.13 -10.77
N HIS A 245 26.51 -20.49 -11.27
CA HIS A 245 25.24 -20.52 -10.54
C HIS A 245 24.14 -19.79 -11.32
N TRP A 246 22.91 -19.97 -10.85
CA TRP A 246 21.76 -19.21 -11.36
C TRP A 246 21.45 -18.06 -10.42
N GLU A 247 20.92 -16.99 -10.98
CA GLU A 247 20.51 -15.81 -10.23
C GLU A 247 19.26 -15.22 -10.87
N PHE A 248 18.45 -14.55 -10.06
CA PHE A 248 17.49 -13.62 -10.65
C PHE A 248 18.22 -12.44 -11.28
N GLU A 249 17.60 -11.82 -12.28
CA GLU A 249 18.19 -10.63 -12.88
C GLU A 249 18.38 -9.50 -11.86
N GLY A 250 17.51 -9.40 -10.85
CA GLY A 250 17.65 -8.35 -9.86
C GLY A 250 16.75 -8.71 -8.71
N PRO A 251 16.66 -7.86 -7.66
CA PRO A 251 15.79 -8.19 -6.52
C PRO A 251 14.36 -8.38 -6.96
N THR A 252 13.71 -9.42 -6.40
CA THR A 252 12.46 -9.95 -6.91
C THR A 252 11.55 -10.26 -5.75
N ILE A 253 10.26 -9.98 -5.88
CA ILE A 253 9.23 -10.50 -4.98
C ILE A 253 8.38 -11.45 -5.79
N ILE A 254 8.12 -12.65 -5.27
CA ILE A 254 7.19 -13.57 -5.91
C ILE A 254 5.99 -13.65 -4.99
N TYR A 255 4.84 -13.21 -5.48
CA TYR A 255 3.61 -13.27 -4.71
C TYR A 255 2.92 -14.58 -5.01
N CYS A 256 2.52 -15.29 -3.97
CA CYS A 256 1.80 -16.54 -4.05
C CYS A 256 0.45 -16.43 -3.35
N PRO A 257 -0.56 -17.16 -3.80
CA PRO A 257 -1.89 -17.09 -3.18
C PRO A 257 -2.04 -17.84 -1.87
N SER A 258 -1.06 -18.65 -1.45
CA SER A 258 -1.23 -19.46 -0.24
C SER A 258 0.14 -19.82 0.28
N ARG A 259 0.18 -20.23 1.56
CA ARG A 259 1.41 -20.73 2.15
C ARG A 259 1.84 -22.02 1.48
N LYS A 260 0.87 -22.87 1.08
CA LYS A 260 1.24 -24.11 0.40
C LYS A 260 2.00 -23.80 -0.91
N MET A 261 1.52 -22.83 -1.70
CA MET A 261 2.21 -22.50 -2.94
C MET A 261 3.56 -21.83 -2.67
N THR A 262 3.60 -20.97 -1.65
CA THR A 262 4.87 -20.41 -1.21
C THR A 262 5.90 -21.51 -0.97
N GLN A 263 5.52 -22.56 -0.26
CA GLN A 263 6.45 -23.64 0.05
C GLN A 263 6.86 -24.40 -1.20
N GLN A 264 5.91 -24.61 -2.13
CA GLN A 264 6.24 -25.20 -3.44
C GLN A 264 7.26 -24.35 -4.19
N VAL A 265 7.03 -23.03 -4.28
CA VAL A 265 7.94 -22.17 -5.04
C VAL A 265 9.31 -22.19 -4.40
N THR A 266 9.35 -22.02 -3.07
CA THR A 266 10.62 -22.01 -2.35
C THR A 266 11.41 -23.31 -2.57
N GLY A 267 10.74 -24.46 -2.51
CA GLY A 267 11.44 -25.71 -2.72
C GLY A 267 12.11 -25.78 -4.08
N GLU A 268 11.43 -25.27 -5.11
CA GLU A 268 12.00 -25.33 -6.45
C GLU A 268 13.19 -24.38 -6.57
N LEU A 269 13.08 -23.17 -6.03
CA LEU A 269 14.19 -22.21 -6.07
C LEU A 269 15.42 -22.76 -5.33
N ARG A 270 15.22 -23.46 -4.23
CA ARG A 270 16.37 -24.01 -3.55
CA ARG A 270 16.33 -24.07 -3.52
C ARG A 270 17.07 -25.11 -4.37
N LYS A 271 16.38 -25.76 -5.32
CA LYS A 271 17.08 -26.66 -6.24
C LYS A 271 18.12 -25.92 -7.07
N LEU A 272 17.96 -24.62 -7.27
CA LEU A 272 18.96 -23.81 -7.98
C LEU A 272 19.90 -23.07 -7.04
N ASN A 273 19.81 -23.35 -5.75
CA ASN A 273 20.61 -22.67 -4.73
CA ASN A 273 20.61 -22.67 -4.73
C ASN A 273 20.42 -21.16 -4.77
N LEU A 274 19.20 -20.72 -5.07
CA LEU A 274 18.89 -19.28 -5.08
C LEU A 274 18.56 -18.82 -3.66
N SER A 275 19.10 -17.67 -3.26
CA SER A 275 18.91 -17.19 -1.89
C SER A 275 17.57 -16.48 -1.80
N CYS A 276 16.69 -17.01 -0.96
CA CYS A 276 15.36 -16.44 -0.85
CA CYS A 276 15.32 -16.52 -0.88
C CYS A 276 14.84 -16.53 0.57
N GLY A 277 13.81 -15.75 0.85
CA GLY A 277 13.15 -15.82 2.14
C GLY A 277 11.66 -15.76 1.93
N THR A 278 10.90 -16.17 2.92
CA THR A 278 9.45 -16.11 2.77
C THR A 278 8.91 -14.99 3.64
N TYR A 279 7.69 -14.56 3.35
CA TYR A 279 7.11 -13.42 4.07
C TYR A 279 5.61 -13.60 4.15
N HIS A 280 5.09 -13.72 5.36
CA HIS A 280 3.70 -14.09 5.62
C HIS A 280 3.12 -13.19 6.70
N ALA A 281 1.79 -13.08 6.71
CA ALA A 281 1.09 -12.51 7.86
C ALA A 281 1.41 -13.33 9.11
N GLY A 282 1.44 -12.68 10.27
CA GLY A 282 1.74 -13.39 11.49
C GLY A 282 3.21 -13.50 11.87
N MET A 283 4.14 -13.05 11.05
CA MET A 283 5.54 -13.16 11.44
C MET A 283 5.84 -12.17 12.55
N SER A 284 6.71 -12.56 13.47
CA SER A 284 7.06 -11.73 14.62
C SER A 284 7.80 -10.49 14.15
N PHE A 285 7.87 -9.52 15.07
CA PHE A 285 8.58 -8.27 14.82
C PHE A 285 10.04 -8.56 14.46
N SER A 286 10.71 -9.42 15.26
CA SER A 286 12.09 -9.81 15.00
C SER A 286 12.25 -10.46 13.64
N THR A 287 11.35 -11.39 13.30
CA THR A 287 11.37 -12.00 11.97
C THR A 287 11.23 -10.96 10.88
N ARG A 288 10.33 -9.99 11.04
CA ARG A 288 10.14 -9.03 9.95
C ARG A 288 11.36 -8.13 9.84
N LYS A 289 12.00 -7.86 10.97
CA LYS A 289 13.22 -7.05 10.99
C LYS A 289 14.34 -7.76 10.26
N ASP A 290 14.49 -9.05 10.48
CA ASP A 290 15.54 -9.83 9.85
C ASP A 290 15.36 -9.94 8.34
N ILE A 291 14.12 -10.15 7.87
CA ILE A 291 13.86 -10.17 6.44
C ILE A 291 14.18 -8.81 5.83
N HIS A 292 13.76 -7.75 6.51
CA HIS A 292 14.06 -6.41 6.02
C HIS A 292 15.57 -6.22 5.86
N HIS A 293 16.34 -6.60 6.87
CA HIS A 293 17.79 -6.50 6.81
C HIS A 293 18.36 -7.26 5.62
N ARG A 294 17.97 -8.53 5.48
CA ARG A 294 18.53 -9.39 4.42
CA ARG A 294 18.55 -9.38 4.42
C ARG A 294 18.13 -8.90 3.03
N PHE A 295 16.88 -8.48 2.84
CA PHE A 295 16.44 -8.08 1.50
C PHE A 295 17.06 -6.76 1.11
N VAL A 296 17.07 -5.78 2.02
CA VAL A 296 17.62 -4.48 1.65
C VAL A 296 19.10 -4.61 1.33
N ARG A 297 19.81 -5.48 2.05
CA ARG A 297 21.25 -5.59 1.84
CA ARG A 297 21.25 -5.62 1.86
C ARG A 297 21.59 -6.62 0.76
N ASP A 298 20.57 -7.18 0.12
CA ASP A 298 20.71 -8.13 -0.98
C ASP A 298 21.40 -9.41 -0.54
N GLU A 299 21.22 -9.80 0.72
CA GLU A 299 21.68 -11.10 1.18
C GLU A 299 20.70 -12.19 0.77
N ILE A 300 19.49 -11.81 0.44
CA ILE A 300 18.58 -12.67 -0.30
C ILE A 300 18.17 -11.92 -1.56
N GLN A 301 18.03 -12.64 -2.65
CA GLN A 301 17.63 -12.03 -3.93
C GLN A 301 16.13 -11.95 -4.07
N CYS A 302 15.40 -12.86 -3.47
CA CYS A 302 13.98 -12.98 -3.78
C CYS A 302 13.22 -13.20 -2.49
N VAL A 303 12.11 -12.50 -2.33
CA VAL A 303 11.19 -12.77 -1.23
C VAL A 303 9.94 -13.41 -1.84
N ILE A 304 9.49 -14.54 -1.27
CA ILE A 304 8.26 -15.18 -1.73
C ILE A 304 7.20 -14.84 -0.70
N ALA A 305 6.16 -14.13 -1.09
CA ALA A 305 5.33 -13.40 -0.14
C ALA A 305 3.87 -13.74 -0.34
N THR A 306 3.10 -13.87 0.77
CA THR A 306 1.64 -13.94 0.70
C THR A 306 0.97 -12.67 1.19
N ILE A 307 1.74 -11.62 1.48
CA ILE A 307 1.20 -10.34 1.93
C ILE A 307 2.01 -9.25 1.25
N ALA A 308 1.41 -8.07 1.19
CA ALA A 308 1.97 -7.00 0.37
C ALA A 308 2.25 -5.76 1.17
N PHE A 309 2.38 -5.87 2.49
CA PHE A 309 2.72 -4.72 3.30
C PHE A 309 3.73 -5.14 4.36
N GLY A 310 4.32 -4.14 5.01
CA GLY A 310 5.23 -4.35 6.12
C GLY A 310 6.69 -4.16 5.70
N MET A 311 7.54 -4.00 6.72
CA MET A 311 8.93 -3.65 6.51
C MET A 311 9.69 -4.75 5.77
N GLY A 312 9.23 -6.00 5.82
CA GLY A 312 9.99 -7.08 5.21
C GLY A 312 10.22 -6.85 3.72
N ILE A 313 9.23 -6.28 3.04
CA ILE A 313 9.37 -6.08 1.61
C ILE A 313 9.54 -4.61 1.24
N ASN A 314 10.00 -3.82 2.17
CA ASN A 314 10.18 -2.39 1.94
C ASN A 314 11.61 -2.21 1.46
N LYS A 315 11.79 -2.09 0.15
CA LYS A 315 13.08 -2.03 -0.50
C LYS A 315 12.96 -1.10 -1.69
N ALA A 316 13.95 -0.22 -1.89
CA ALA A 316 13.82 0.78 -2.95
C ALA A 316 14.04 0.19 -4.34
N ASP A 317 14.82 -0.87 -4.46
CA ASP A 317 15.29 -1.23 -5.79
C ASP A 317 14.79 -2.61 -6.18
N ILE A 318 13.50 -2.87 -5.99
CA ILE A 318 12.93 -4.15 -6.43
C ILE A 318 12.71 -4.04 -7.92
N ARG A 319 13.44 -4.89 -8.69
CA ARG A 319 13.43 -4.84 -10.13
C ARG A 319 12.34 -5.70 -10.75
N GLN A 320 11.86 -6.74 -10.08
CA GLN A 320 10.93 -7.65 -10.73
C GLN A 320 9.91 -8.09 -9.71
N VAL A 321 8.63 -8.05 -10.07
CA VAL A 321 7.56 -8.67 -9.28
C VAL A 321 6.97 -9.79 -10.14
N ILE A 322 6.71 -10.95 -9.53
CA ILE A 322 6.08 -12.06 -10.25
C ILE A 322 4.86 -12.45 -9.43
N HIS A 323 3.67 -12.36 -10.01
CA HIS A 323 2.52 -13.03 -9.38
C HIS A 323 2.52 -14.47 -9.84
N TYR A 324 2.78 -15.40 -8.90
CA TYR A 324 2.77 -16.81 -9.25
C TYR A 324 1.35 -17.30 -9.01
N GLY A 325 0.53 -17.22 -10.04
CA GLY A 325 -0.88 -17.47 -9.82
C GLY A 325 -1.68 -16.16 -9.97
N ALA A 326 -2.90 -16.28 -10.53
CA ALA A 326 -3.76 -15.12 -10.74
C ALA A 326 -3.89 -14.34 -9.44
N PRO A 327 -3.81 -13.01 -9.49
CA PRO A 327 -3.98 -12.20 -8.28
C PRO A 327 -5.41 -12.26 -7.77
N LYS A 328 -5.59 -11.86 -6.52
CA LYS A 328 -6.91 -11.94 -5.87
C LYS A 328 -7.92 -10.96 -6.50
N ASP A 329 -7.52 -9.72 -6.71
CA ASP A 329 -8.42 -8.71 -7.25
C ASP A 329 -7.56 -7.53 -7.65
N MET A 330 -8.18 -6.55 -8.33
CA MET A 330 -7.40 -5.45 -8.89
CA MET A 330 -7.45 -5.42 -8.88
C MET A 330 -6.70 -4.65 -7.79
N GLU A 331 -7.33 -4.45 -6.63
CA GLU A 331 -6.76 -3.64 -5.55
C GLU A 331 -5.55 -4.31 -4.91
N SER A 332 -5.68 -5.60 -4.59
CA SER A 332 -4.52 -6.31 -4.07
C SER A 332 -3.41 -6.30 -5.09
N TYR A 333 -3.77 -6.54 -6.35
CA TYR A 333 -2.77 -6.60 -7.42
C TYR A 333 -1.99 -5.30 -7.54
N TYR A 334 -2.71 -4.18 -7.54
CA TYR A 334 -2.06 -2.87 -7.64
C TYR A 334 -1.12 -2.62 -6.45
N GLN A 335 -1.57 -2.92 -5.23
CA GLN A 335 -0.70 -2.77 -4.07
C GLN A 335 0.50 -3.69 -4.14
N GLU A 336 0.29 -4.91 -4.61
CA GLU A 336 1.39 -5.86 -4.69
C GLU A 336 2.42 -5.42 -5.71
N ILE A 337 2.01 -5.07 -6.95
CA ILE A 337 3.03 -4.64 -7.91
C ILE A 337 3.68 -3.31 -7.48
N GLY A 338 2.97 -2.46 -6.71
CA GLY A 338 3.49 -1.17 -6.29
C GLY A 338 4.72 -1.23 -5.38
N ARG A 339 5.03 -2.39 -4.77
CA ARG A 339 6.26 -2.53 -4.00
C ARG A 339 7.49 -2.45 -4.88
N ALA A 340 7.31 -2.58 -6.19
CA ALA A 340 8.41 -2.56 -7.13
C ALA A 340 8.76 -1.15 -7.56
N GLY A 341 10.04 -0.98 -7.90
CA GLY A 341 10.52 0.25 -8.53
C GLY A 341 10.34 1.52 -7.73
N ARG A 342 10.47 1.45 -6.41
CA ARG A 342 10.32 2.65 -5.60
C ARG A 342 11.43 3.66 -5.87
N ASP A 343 12.56 3.19 -6.41
CA ASP A 343 13.63 4.10 -6.75
C ASP A 343 13.39 4.84 -8.05
N GLY A 344 12.30 4.57 -8.74
CA GLY A 344 12.00 5.22 -10.00
C GLY A 344 12.69 4.61 -11.19
N LEU A 345 13.52 3.58 -11.03
CA LEU A 345 14.17 2.96 -12.18
C LEU A 345 13.28 1.88 -12.78
N GLN A 346 13.68 1.42 -13.97
CA GLN A 346 12.81 0.48 -14.70
C GLN A 346 12.66 -0.85 -13.95
N SER A 347 11.41 -1.32 -13.79
CA SER A 347 11.11 -2.63 -13.19
C SER A 347 10.06 -3.32 -14.06
N SER A 348 9.87 -4.61 -13.83
CA SER A 348 8.87 -5.41 -14.54
C SER A 348 7.97 -6.13 -13.57
N CYS A 349 6.70 -6.31 -13.95
CA CYS A 349 5.70 -6.97 -13.11
C CYS A 349 5.01 -7.98 -14.00
N HIS A 350 5.22 -9.25 -13.71
CA HIS A 350 4.69 -10.34 -14.54
C HIS A 350 3.66 -11.11 -13.73
N VAL A 351 2.52 -11.39 -14.34
CA VAL A 351 1.59 -12.38 -13.78
C VAL A 351 1.77 -13.71 -14.51
N LEU A 352 1.93 -14.81 -13.77
CA LEU A 352 1.87 -16.15 -14.35
C LEU A 352 0.60 -16.82 -13.87
N TRP A 353 -0.28 -17.22 -14.79
CA TRP A 353 -1.60 -17.67 -14.38
C TRP A 353 -2.09 -18.82 -15.24
N ALA A 354 -3.13 -19.46 -14.73
CA ALA A 354 -3.88 -20.50 -15.40
C ALA A 354 -5.34 -20.35 -15.01
N PRO A 355 -6.26 -20.73 -15.90
CA PRO A 355 -7.69 -20.68 -15.55
C PRO A 355 -8.02 -21.44 -14.27
N ALA A 356 -7.23 -22.45 -13.92
CA ALA A 356 -7.49 -23.26 -12.73
C ALA A 356 -6.98 -22.63 -11.44
N ASP A 357 -6.34 -21.46 -11.50
CA ASP A 357 -5.76 -20.82 -10.32
C ASP A 357 -6.84 -20.58 -9.26
N ILE A 358 -6.46 -20.63 -7.98
CA ILE A 358 -7.51 -20.61 -6.95
C ILE A 358 -8.22 -19.27 -6.92
N ASN A 359 -7.54 -18.18 -7.27
CA ASN A 359 -8.24 -16.90 -7.27
C ASN A 359 -9.22 -16.75 -8.43
N LEU A 360 -9.23 -17.68 -9.39
CA LEU A 360 -10.23 -17.66 -10.44
C LEU A 360 -11.26 -18.74 -10.28
N ASN A 361 -11.27 -19.43 -9.14
CA ASN A 361 -12.10 -20.62 -8.98
C ASN A 361 -13.43 -20.22 -8.35
N ARG A 362 -14.49 -20.08 -9.19
CA ARG A 362 -15.80 -19.70 -8.67
C ARG A 362 -16.39 -20.82 -7.80
N HIS A 363 -16.02 -22.08 -8.06
CA HIS A 363 -16.57 -23.19 -7.29
C HIS A 363 -16.16 -23.15 -5.82
N LEU A 364 -15.11 -22.40 -5.48
CA LEU A 364 -14.77 -22.17 -4.08
C LEU A 364 -15.66 -21.11 -3.43
N LEU A 365 -16.45 -20.38 -4.20
CA LEU A 365 -17.26 -19.34 -3.63
C LEU A 365 -18.61 -19.85 -3.11
N THR A 366 -19.00 -21.07 -3.48
CA THR A 366 -20.35 -21.55 -3.16
C THR A 366 -20.60 -21.61 -1.65
N GLU A 367 -19.55 -21.72 -0.84
CA GLU A 367 -19.74 -21.95 0.58
C GLU A 367 -19.64 -20.68 1.42
N ILE A 368 -19.25 -19.55 0.83
CA ILE A 368 -19.23 -18.28 1.55
C ILE A 368 -20.65 -17.80 1.85
N ARG A 369 -20.83 -17.18 3.03
CA ARG A 369 -22.15 -16.99 3.61
C ARG A 369 -22.88 -15.76 3.07
N ASN A 370 -22.16 -14.64 2.94
CA ASN A 370 -22.79 -13.36 2.60
C ASN A 370 -23.00 -13.23 1.09
N GLU A 371 -24.26 -13.03 0.67
CA GLU A 371 -24.57 -12.93 -0.76
C GLU A 371 -23.96 -11.69 -1.39
N LYS A 372 -24.03 -10.55 -0.70
CA LYS A 372 -23.45 -9.34 -1.25
C LYS A 372 -21.94 -9.47 -1.38
N PHE A 373 -21.29 -10.09 -0.39
CA PHE A 373 -19.86 -10.32 -0.48
C PHE A 373 -19.54 -11.31 -1.61
N ARG A 374 -20.31 -12.39 -1.74
CA ARG A 374 -20.03 -13.36 -2.79
C ARG A 374 -20.21 -12.76 -4.17
N LEU A 375 -21.27 -11.94 -4.37
CA LEU A 375 -21.38 -11.23 -5.63
C LEU A 375 -20.16 -10.35 -5.91
N TYR A 376 -19.57 -9.76 -4.86
CA TYR A 376 -18.36 -8.97 -5.05
C TYR A 376 -17.18 -9.84 -5.49
N LYS A 377 -16.92 -10.94 -4.77
CA LYS A 377 -15.89 -11.88 -5.21
C LYS A 377 -16.13 -12.32 -6.64
N LEU A 378 -17.39 -12.60 -7.00
CA LEU A 378 -17.70 -12.98 -8.36
C LEU A 378 -17.30 -11.88 -9.34
N LYS A 379 -17.74 -10.65 -9.09
CA LYS A 379 -17.44 -9.56 -10.01
C LYS A 379 -15.94 -9.31 -10.07
N MET A 380 -15.24 -9.48 -8.94
CA MET A 380 -13.81 -9.21 -8.95
C MET A 380 -13.04 -10.31 -9.66
N MET A 381 -13.43 -11.56 -9.43
CA MET A 381 -12.92 -12.66 -10.22
C MET A 381 -13.12 -12.41 -11.72
N ALA A 382 -14.34 -11.99 -12.09
CA ALA A 382 -14.66 -11.73 -13.50
C ALA A 382 -13.77 -10.63 -14.05
N LYS A 383 -13.62 -9.55 -13.27
CA LYS A 383 -12.76 -8.43 -13.67
C LYS A 383 -11.31 -8.84 -13.81
N MET A 384 -10.80 -9.66 -12.87
CA MET A 384 -9.41 -10.12 -12.94
C MET A 384 -9.20 -11.02 -14.14
N GLU A 385 -10.13 -11.94 -14.37
CA GLU A 385 -9.99 -12.81 -15.53
C GLU A 385 -10.03 -12.00 -16.83
N LYS A 386 -10.89 -10.99 -16.88
CA LYS A 386 -10.99 -10.17 -18.07
C LYS A 386 -9.69 -9.42 -18.30
N TYR A 387 -9.08 -8.91 -17.22
CA TYR A 387 -7.76 -8.30 -17.31
C TYR A 387 -6.72 -9.28 -17.84
N LEU A 388 -6.66 -10.47 -17.24
CA LEU A 388 -5.63 -11.43 -17.60
C LEU A 388 -5.76 -11.85 -19.08
N HIS A 389 -7.00 -12.02 -19.56
CA HIS A 389 -7.24 -12.41 -20.94
C HIS A 389 -7.12 -11.28 -21.94
N SER A 390 -6.96 -10.02 -21.50
CA SER A 390 -7.13 -8.92 -22.43
C SER A 390 -6.02 -8.88 -23.48
N SER A 391 -6.39 -8.43 -24.67
CA SER A 391 -5.43 -8.03 -25.69
C SER A 391 -5.20 -6.51 -25.69
N ARG A 392 -5.83 -5.77 -24.79
CA ARG A 392 -5.74 -4.31 -24.78
C ARG A 392 -4.69 -3.84 -23.78
N CYS A 393 -4.50 -2.53 -23.72
CA CYS A 393 -3.49 -1.96 -22.84
C CYS A 393 -3.76 -2.30 -21.37
N ARG A 394 -2.82 -2.97 -20.70
CA ARG A 394 -3.03 -3.37 -19.31
CA ARG A 394 -3.05 -3.37 -19.32
C ARG A 394 -3.08 -2.15 -18.40
N ARG A 395 -2.28 -1.14 -18.72
CA ARG A 395 -2.18 0.01 -17.82
C ARG A 395 -3.46 0.81 -17.82
N GLN A 396 -4.08 0.95 -18.98
CA GLN A 396 -5.38 1.60 -19.10
C GLN A 396 -6.44 0.91 -18.24
N ILE A 397 -6.42 -0.42 -18.19
CA ILE A 397 -7.43 -1.16 -17.43
C ILE A 397 -7.26 -0.89 -15.95
N ILE A 398 -6.01 -0.94 -15.48
CA ILE A 398 -5.74 -0.70 -14.07
C ILE A 398 -6.08 0.72 -13.69
N LEU A 399 -5.64 1.69 -14.50
CA LEU A 399 -5.87 3.09 -14.15
C LEU A 399 -7.34 3.39 -14.13
N SER A 400 -8.10 2.81 -15.08
CA SER A 400 -9.53 3.06 -15.12
C SER A 400 -10.23 2.54 -13.86
N HIS A 401 -9.76 1.42 -13.32
CA HIS A 401 -10.35 0.90 -12.10
C HIS A 401 -10.15 1.85 -10.91
N PHE A 402 -8.93 2.35 -10.73
CA PHE A 402 -8.66 3.17 -9.56
C PHE A 402 -9.19 4.59 -9.68
N GLU A 403 -9.27 5.12 -10.92
CA GLU A 403 -9.92 6.41 -11.14
C GLU A 403 -11.43 6.31 -11.09
N ASP A 404 -11.97 5.09 -11.16
CA ASP A 404 -13.41 4.83 -11.16
C ASP A 404 -14.09 5.48 -12.38
N LYS A 405 -13.45 5.36 -13.53
CA LYS A 405 -13.91 6.01 -14.74
C LYS A 405 -12.99 5.52 -15.85
N GLN A 406 -13.48 5.55 -17.10
CA GLN A 406 -12.64 5.15 -18.23
C GLN A 406 -11.52 6.18 -18.37
N VAL A 407 -10.31 5.73 -18.11
CA VAL A 407 -9.11 6.51 -18.45
C VAL A 407 -8.84 6.30 -19.93
N GLN A 408 -8.66 7.40 -20.65
CA GLN A 408 -8.32 7.30 -22.06
C GLN A 408 -6.82 7.06 -22.20
N LYS A 409 -6.46 6.16 -23.13
CA LYS A 409 -5.06 5.98 -23.51
C LYS A 409 -4.48 7.32 -23.95
N ALA A 410 -3.18 7.49 -23.77
CA ALA A 410 -2.51 8.73 -24.13
C ALA A 410 -3.08 9.93 -23.37
N SER A 411 -3.68 9.69 -22.20
CA SER A 411 -3.63 10.70 -21.15
C SER A 411 -2.28 10.67 -20.44
N LEU A 412 -1.44 9.65 -20.72
CA LEU A 412 -0.12 9.54 -20.13
C LEU A 412 0.89 9.14 -21.20
N GLY A 413 2.12 9.64 -21.05
CA GLY A 413 3.17 9.38 -22.03
C GLY A 413 3.64 7.93 -22.10
N ILE A 414 3.69 7.24 -20.96
CA ILE A 414 4.09 5.83 -20.96
C ILE A 414 3.14 5.00 -21.82
N MET A 415 1.85 5.34 -21.83
CA MET A 415 0.88 4.43 -22.42
C MET A 415 1.11 4.28 -23.91
N GLY A 416 0.99 3.05 -24.39
CA GLY A 416 1.14 2.81 -25.81
C GLY A 416 2.57 2.61 -26.28
N THR A 417 3.56 2.76 -25.41
CA THR A 417 4.94 2.60 -25.80
C THR A 417 5.44 1.20 -25.42
N GLU A 418 6.63 0.85 -25.94
CA GLU A 418 7.20 -0.47 -25.72
C GLU A 418 7.38 -0.82 -24.25
N LYS A 419 7.59 0.16 -23.38
CA LYS A 419 7.79 -0.09 -21.95
C LYS A 419 6.47 -0.07 -21.18
N CYS A 420 5.36 0.13 -21.87
CA CYS A 420 4.10 0.24 -21.13
C CYS A 420 3.61 -1.12 -20.65
N CYS A 421 3.30 -2.02 -21.58
CA CYS A 421 2.79 -3.33 -21.20
C CYS A 421 3.03 -4.28 -22.37
N ASP A 422 2.77 -5.56 -22.14
CA ASP A 422 3.08 -6.58 -23.14
C ASP A 422 2.24 -6.40 -24.37
N ASN A 423 0.99 -5.98 -24.20
CA ASN A 423 0.06 -5.82 -25.32
C ASN A 423 0.40 -4.60 -26.12
N CYS A 424 0.82 -3.52 -25.48
CA CYS A 424 1.31 -2.40 -26.28
C CYS A 424 2.60 -2.77 -27.00
N ARG A 425 3.50 -3.49 -26.34
CA ARG A 425 4.76 -3.91 -26.95
C ARG A 425 4.49 -4.82 -28.15
N SER A 426 3.57 -5.76 -27.99
CA SER A 426 3.20 -6.64 -29.11
C SER A 426 2.61 -5.86 -30.27
N ARG A 427 1.71 -4.90 -30.01
CA ARG A 427 1.12 -4.14 -31.11
C ARG A 427 2.18 -3.37 -31.87
N LEU A 428 3.18 -2.84 -31.16
CA LEU A 428 4.27 -2.16 -31.83
C LEU A 428 5.13 -3.13 -32.62
N ASP A 429 5.42 -4.30 -32.07
CA ASP A 429 6.18 -5.29 -32.83
C ASP A 429 5.44 -5.74 -34.07
N HIS A 430 4.11 -5.73 -34.05
CA HIS A 430 3.39 -6.13 -35.25
C HIS A 430 2.99 -4.93 -36.11
N GLY A 431 3.95 -4.02 -36.31
CA GLY A 431 3.74 -2.85 -37.15
C GLY A 431 2.65 -1.92 -36.67
N GLY A 432 2.66 -1.58 -35.36
CA GLY A 432 1.74 -0.59 -34.83
C GLY A 432 2.35 0.81 -34.75
N ARG A 433 1.48 1.79 -34.49
CA ARG A 433 1.81 3.22 -34.57
C ARG A 433 2.18 3.77 -33.19
N LEU A 434 3.14 4.70 -33.18
CA LEU A 434 3.82 5.14 -31.97
C LEU A 434 3.40 6.53 -31.46
N GLU A 435 2.27 7.06 -31.92
CA GLU A 435 1.58 8.15 -31.23
C GLU A 435 2.45 9.40 -31.01
N VAL A 436 3.29 9.74 -31.99
CA VAL A 436 3.71 11.13 -32.08
C VAL A 436 2.48 11.93 -32.50
N LEU A 437 2.28 13.08 -31.86
CA LEU A 437 1.04 13.82 -32.07
C LEU A 437 1.19 14.97 -33.06
PB ADP B . 2.98 4.40 0.93
O1B ADP B . 2.76 3.85 2.31
O2B ADP B . 2.05 5.51 0.47
O3B ADP B . 3.35 3.32 -0.10
PA ADP B . 5.37 5.08 2.14
O1A ADP B . 4.87 5.68 3.43
O2A ADP B . 5.69 3.61 1.95
O3A ADP B . 4.25 5.37 1.05
O5' ADP B . 6.45 5.94 1.33
C5' ADP B . 6.79 5.40 0.06
C4' ADP B . 8.14 5.97 -0.33
O4' ADP B . 7.99 7.35 -0.59
C3' ADP B . 9.22 5.89 0.76
O3' ADP B . 10.46 5.61 0.09
C2' ADP B . 9.37 7.29 1.32
O2' ADP B . 10.72 7.57 1.74
C1' ADP B . 9.09 8.04 0.04
N9 ADP B . 8.76 9.47 0.23
C8 ADP B . 7.78 9.96 1.03
N7 ADP B . 7.76 11.30 0.93
C5 ADP B . 8.76 11.67 0.08
C6 ADP B . 9.30 12.96 -0.42
N6 ADP B . 8.69 14.11 -0.02
N1 ADP B . 10.33 12.94 -1.28
C2 ADP B . 10.90 11.76 -1.67
N3 ADP B . 10.49 10.55 -1.23
C4 ADP B . 9.43 10.46 -0.38
CD CD C . -7.29 10.80 -9.71
CD CD D . -0.09 -0.57 -22.46
CD CD E . -3.54 28.10 3.18
C1 EDO F . 1.09 0.61 -12.55
O1 EDO F . 0.92 0.42 -11.15
C2 EDO F . -0.01 1.54 -12.98
O2 EDO F . 0.54 2.36 -14.00
C1 EDO G . -0.66 1.94 9.27
O1 EDO G . -1.99 1.67 8.77
C2 EDO G . -0.53 3.41 9.59
O2 EDO G . -1.04 4.16 8.48
CL CL H . -3.13 -20.45 -7.81
#